data_1YPE
#
_entry.id   1YPE
#
_cell.length_a   71.100
_cell.length_b   71.400
_cell.length_c   72.400
_cell.angle_alpha   90.00
_cell.angle_beta   100.60
_cell.angle_gamma   90.00
#
_symmetry.space_group_name_H-M   'C 1 2 1'
#
loop_
_entity.id
_entity.type
_entity.pdbx_description
1 polymer 'Thrombin light chain'
2 polymer 'Thrombin heavy chain'
3 polymer Hirudin
4 non-polymer 'SODIUM ION'
5 non-polymer (1R,3AS,4R,8AS,8BR)-4-(2-BENZO[1,3]DIOXOL-5-YLMETHYL-1-ETHYL-3-OXO-DECAHYDRO-PYRROLO[3,4-A]PYRROLIZIN-4-YL)-BENZAMIDINE
6 non-polymer GLYCEROL
7 water water
#
loop_
_entity_poly.entity_id
_entity_poly.type
_entity_poly.pdbx_seq_one_letter_code
_entity_poly.pdbx_strand_id
1 'polypeptide(L)' ADCGLRPLFEKKSLEDKTERELLESYI L
2 'polypeptide(L)'
;IVEGSDAEIGMSPWQVMLFRKSPQELLCGASLISDRWVLTAAHCLLYPPWDKNFTENDLLVRIGKHSRTRYERNIEKISM
LEKIYIHPRYNWRENLDRDIALMKLKKPVAFSDYIHPVCLPDRETAASLLQAGYKGRVTGWGNLKETWTANVGKGQPSVL
QVVNLPIVERPVCKDSTRIRITDNMFCAGYKPDEGKRGDACEGDSGGPFVMKSPFNNRWYQMGIVSWGEGCDRDGKYGFY
THVFRLKKWIQKVIDQF
;
H
3 'polypeptide(L)' DFEEIPEE(TYS)L I
#
# COMPACT_ATOMS: atom_id res chain seq x y z
N ALA A 1 13.62 6.51 -12.99
CA ALA A 1 14.80 7.37 -12.78
C ALA A 1 14.64 8.23 -11.52
N ASP A 2 13.49 8.88 -11.43
CA ASP A 2 13.03 9.78 -10.42
C ASP A 2 12.15 9.13 -9.35
N CYS A 3 11.96 7.82 -9.43
CA CYS A 3 11.07 7.16 -8.46
C CYS A 3 11.40 7.50 -7.02
N GLY A 4 10.39 7.61 -6.16
CA GLY A 4 10.65 7.63 -4.74
C GLY A 4 11.22 8.92 -4.19
N LEU A 5 11.31 9.93 -5.03
CA LEU A 5 11.66 11.29 -4.60
C LEU A 5 10.43 12.18 -4.73
N ARG A 6 9.93 12.60 -3.58
CA ARG A 6 8.65 13.32 -3.57
C ARG A 6 8.84 14.78 -3.95
N PRO A 7 8.04 15.26 -4.88
CA PRO A 7 8.10 16.70 -5.26
C PRO A 7 8.01 17.60 -4.06
N LEU A 8 7.21 17.31 -3.04
CA LEU A 8 7.06 18.31 -1.99
C LEU A 8 7.98 18.08 -0.79
N PHE A 9 8.83 17.08 -0.90
CA PHE A 9 9.76 16.75 0.17
C PHE A 9 11.16 16.56 -0.35
N GLU A 10 11.58 15.36 -0.77
CA GLU A 10 12.97 15.18 -1.20
C GLU A 10 13.40 16.16 -2.28
N LYS A 11 12.53 16.45 -3.24
CA LYS A 11 12.98 17.29 -4.34
C LYS A 11 13.32 18.70 -3.87
N LYS A 12 12.65 19.16 -2.83
CA LYS A 12 12.76 20.47 -2.22
C LYS A 12 13.59 20.43 -0.93
N SER A 13 14.13 19.28 -0.58
CA SER A 13 14.88 19.10 0.66
C SER A 13 14.07 19.53 1.89
N LEU A 14 12.82 19.12 1.92
CA LEU A 14 11.97 19.28 3.09
C LEU A 14 11.68 17.89 3.65
N GLU A 15 11.65 17.78 4.97
CA GLU A 15 11.38 16.52 5.64
C GLU A 15 9.94 16.49 6.12
N ASP A 16 9.33 15.31 6.08
CA ASP A 16 7.98 15.18 6.64
C ASP A 16 8.10 14.97 8.15
N LYS A 17 6.97 14.97 8.86
CA LYS A 17 7.01 15.03 10.31
C LYS A 17 7.46 13.75 10.98
N THR A 18 7.48 12.60 10.33
CA THR A 18 7.91 11.40 11.07
C THR A 18 8.92 10.57 10.32
N GLU A 19 9.40 11.06 9.18
CA GLU A 19 10.38 10.25 8.46
C GLU A 19 11.63 10.07 9.32
N ARG A 20 11.94 10.96 10.26
CA ARG A 20 13.13 10.71 11.05
C ARG A 20 12.96 9.50 11.99
N GLU A 21 11.75 9.17 12.39
CA GLU A 21 11.51 7.94 13.15
C GLU A 21 12.00 6.71 12.42
N LEU A 22 11.75 6.67 11.11
CA LEU A 22 12.22 5.55 10.30
C LEU A 22 13.74 5.52 10.27
N LEU A 23 14.33 6.69 10.03
CA LEU A 23 15.80 6.76 9.97
C LEU A 23 16.41 6.23 11.26
N GLU A 24 15.83 6.61 12.39
CA GLU A 24 16.42 6.20 13.67
C GLU A 24 16.36 4.71 13.86
N SER A 25 15.46 4.01 13.17
CA SER A 25 15.25 2.58 13.32
C SER A 25 16.24 1.79 12.47
N TYR A 26 16.84 2.49 11.50
CA TYR A 26 17.76 1.87 10.55
C TYR A 26 19.16 1.85 11.12
N ILE A 27 19.42 0.87 11.96
CA ILE A 27 20.60 0.83 12.81
C ILE A 27 21.72 -0.05 12.27
N ILE B 1 -6.55 2.78 8.72
CA ILE B 1 -5.38 2.84 9.58
C ILE B 1 -5.83 3.15 11.00
N VAL B 2 -5.48 2.30 11.95
CA VAL B 2 -5.81 2.50 13.36
C VAL B 2 -4.61 3.09 14.10
N GLU B 3 -4.79 4.14 14.88
CA GLU B 3 -3.78 4.74 15.73
C GLU B 3 -2.65 5.35 14.91
N GLY B 4 -3.03 5.91 13.78
CA GLY B 4 -2.12 6.67 12.94
C GLY B 4 -2.43 8.16 13.00
N SER B 5 -1.97 8.90 12.02
CA SER B 5 -2.26 10.34 12.01
C SER B 5 -2.55 10.82 10.60
N ASP B 6 -3.06 12.05 10.49
CA ASP B 6 -3.27 12.63 9.18
C ASP B 6 -1.96 12.73 8.41
N ALA B 7 -2.04 12.39 7.13
CA ALA B 7 -0.88 12.56 6.28
C ALA B 7 -0.70 14.03 5.95
N GLU B 8 0.54 14.41 5.68
CA GLU B 8 0.82 15.73 5.14
C GLU B 8 0.50 15.79 3.67
N ILE B 9 0.23 16.98 3.13
CA ILE B 9 0.01 17.10 1.69
C ILE B 9 1.23 16.62 0.91
N GLY B 10 1.05 15.73 -0.07
CA GLY B 10 2.16 15.28 -0.89
C GLY B 10 3.06 14.30 -0.18
N MET B 11 2.68 13.82 1.01
CA MET B 11 3.53 12.88 1.77
C MET B 11 3.68 11.50 1.13
N SER B 12 2.66 11.10 0.39
CA SER B 12 2.61 9.75 -0.21
C SER B 12 2.06 9.82 -1.63
N PRO B 13 2.82 10.45 -2.51
CA PRO B 13 2.27 10.79 -3.82
C PRO B 13 2.09 9.60 -4.76
N TRP B 14 2.49 8.43 -4.31
CA TRP B 14 2.27 7.19 -5.02
C TRP B 14 1.00 6.52 -4.51
N GLN B 15 0.31 7.14 -3.56
CA GLN B 15 -0.89 6.53 -3.02
C GLN B 15 -2.00 6.41 -4.07
N VAL B 16 -2.58 5.24 -4.22
CA VAL B 16 -3.71 5.07 -5.13
C VAL B 16 -4.94 4.59 -4.37
N MET B 17 -6.11 5.13 -4.72
CA MET B 17 -7.37 4.64 -4.19
C MET B 17 -8.05 3.82 -5.28
N LEU B 18 -8.41 2.59 -4.98
CA LEU B 18 -9.25 1.79 -5.86
C LEU B 18 -10.70 2.08 -5.47
N PHE B 19 -11.44 2.54 -6.46
CA PHE B 19 -12.79 3.05 -6.25
C PHE B 19 -13.78 2.26 -7.10
N ARG B 20 -14.78 1.72 -6.42
CA ARG B 20 -15.85 1.03 -7.14
C ARG B 20 -16.74 2.09 -7.82
N LYS B 21 -17.12 1.83 -9.05
CA LYS B 21 -18.03 2.66 -9.84
C LYS B 21 -19.44 2.60 -9.28
N SER B 22 -20.07 1.42 -9.25
CA SER B 22 -21.40 1.32 -8.65
C SER B 22 -21.55 0.11 -7.72
N PRO B 23 -21.86 0.28 -6.44
CA PRO B 23 -22.05 1.57 -5.79
C PRO B 23 -20.67 2.21 -5.56
N GLN B 24 -20.68 3.53 -5.44
CA GLN B 24 -19.43 4.28 -5.41
C GLN B 24 -18.83 4.14 -4.02
N GLU B 25 -17.70 3.42 -3.98
CA GLU B 25 -17.10 3.18 -2.67
C GLU B 25 -15.60 2.89 -2.74
N LEU B 26 -14.95 3.00 -1.59
CA LEU B 26 -13.55 2.64 -1.45
C LEU B 26 -13.45 1.12 -1.48
N LEU B 27 -12.71 0.62 -2.46
CA LEU B 27 -12.49 -0.82 -2.51
C LEU B 27 -11.19 -1.18 -1.79
N CYS B 28 -10.15 -0.38 -1.94
CA CYS B 28 -8.83 -0.81 -1.47
C CYS B 28 -7.84 0.32 -1.74
N GLY B 29 -6.65 0.12 -1.20
CA GLY B 29 -5.51 0.96 -1.57
C GLY B 29 -4.71 0.27 -2.67
N ALA B 30 -3.72 1.00 -3.15
CA ALA B 30 -2.85 0.62 -4.21
C ALA B 30 -1.73 1.64 -4.34
N SER B 31 -0.82 1.39 -5.27
CA SER B 31 0.38 2.16 -5.44
C SER B 31 0.73 2.45 -6.87
N LEU B 32 1.22 3.66 -7.14
CA LEU B 32 1.71 3.99 -8.47
C LEU B 32 3.18 3.63 -8.63
N ILE B 33 3.54 2.72 -9.55
CA ILE B 33 4.93 2.36 -9.78
C ILE B 33 5.49 2.84 -11.12
N SER B 34 4.67 3.40 -11.98
CA SER B 34 5.14 4.08 -13.20
C SER B 34 3.99 4.93 -13.72
N ASP B 35 4.07 5.55 -14.90
CA ASP B 35 2.93 6.37 -15.30
C ASP B 35 1.74 5.59 -15.83
N ARG B 36 1.82 4.28 -15.97
CA ARG B 36 0.76 3.41 -16.44
C ARG B 36 0.58 2.13 -15.65
N TRP B 37 1.26 1.91 -14.53
CA TRP B 37 1.13 0.67 -13.78
C TRP B 37 0.91 0.95 -12.29
N VAL B 38 -0.06 0.24 -11.75
CA VAL B 38 -0.52 0.35 -10.39
C VAL B 38 -0.41 -1.04 -9.76
N LEU B 39 0.13 -1.06 -8.56
CA LEU B 39 0.34 -2.31 -7.83
C LEU B 39 -0.66 -2.42 -6.68
N THR B 40 -1.26 -3.58 -6.42
CA THR B 40 -2.20 -3.74 -5.33
C THR B 40 -2.16 -5.21 -4.87
N ALA B 41 -3.09 -5.57 -4.01
CA ALA B 41 -3.20 -6.92 -3.47
C ALA B 41 -4.13 -7.74 -4.35
N ALA B 42 -3.79 -8.98 -4.61
CA ALA B 42 -4.68 -9.83 -5.41
C ALA B 42 -6.05 -9.87 -4.76
N HIS B 43 -6.11 -9.90 -3.42
CA HIS B 43 -7.38 -10.14 -2.74
C HIS B 43 -8.32 -8.94 -2.94
N CYS B 44 -7.80 -7.81 -3.35
CA CYS B 44 -8.59 -6.62 -3.61
C CYS B 44 -9.51 -6.83 -4.83
N LEU B 45 -9.08 -7.73 -5.69
CA LEU B 45 -9.67 -7.98 -7.00
C LEU B 45 -10.32 -9.35 -7.07
N LEU B 46 -9.72 -10.33 -6.40
CA LEU B 46 -10.21 -11.71 -6.53
C LEU B 46 -10.22 -12.43 -5.21
N TYR B 47 -11.41 -12.88 -4.79
CA TYR B 47 -11.54 -13.64 -3.55
C TYR B 47 -12.81 -14.47 -3.59
N PRO B 48 -12.75 -15.62 -4.25
CA PRO B 48 -13.94 -16.48 -4.47
C PRO B 48 -14.71 -16.85 -3.24
N PRO B 49 -14.18 -17.07 -2.06
CA PRO B 49 -15.04 -17.36 -0.92
C PRO B 49 -16.08 -16.29 -0.66
N TRP B 50 -15.81 -15.07 -1.10
CA TRP B 50 -16.75 -14.00 -0.78
C TRP B 50 -17.41 -13.50 -2.05
N ASP B 51 -17.29 -14.28 -3.11
CA ASP B 51 -17.77 -13.96 -4.44
C ASP B 51 -17.23 -12.65 -4.98
N LYS B 52 -15.95 -12.42 -4.70
CA LYS B 52 -15.28 -11.21 -5.21
C LYS B 52 -14.46 -11.57 -6.43
N ASN B 53 -14.78 -10.89 -7.53
CA ASN B 53 -14.12 -11.07 -8.81
C ASN B 53 -14.27 -9.88 -9.73
N PHE B 54 -13.60 -8.77 -9.44
CA PHE B 54 -13.82 -7.58 -10.26
C PHE B 54 -13.19 -7.70 -11.64
N THR B 55 -13.83 -7.06 -12.62
CA THR B 55 -13.33 -6.92 -13.97
C THR B 55 -12.81 -5.48 -14.11
N GLU B 56 -11.97 -5.20 -15.08
CA GLU B 56 -11.46 -3.85 -15.35
C GLU B 56 -12.57 -2.82 -15.26
N ASN B 57 -13.69 -3.11 -15.94
CA ASN B 57 -14.73 -2.10 -16.09
C ASN B 57 -15.46 -1.74 -14.81
N ASP B 58 -15.22 -2.51 -13.75
CA ASP B 58 -15.90 -2.33 -12.49
C ASP B 58 -15.30 -1.22 -11.66
N LEU B 59 -14.05 -0.84 -11.96
CA LEU B 59 -13.48 0.17 -11.05
C LEU B 59 -12.66 1.25 -11.75
N LEU B 60 -12.30 2.19 -10.90
CA LEU B 60 -11.46 3.32 -11.26
C LEU B 60 -10.25 3.43 -10.35
N VAL B 61 -9.17 3.99 -10.87
CA VAL B 61 -8.09 4.32 -9.92
C VAL B 61 -8.07 5.85 -9.78
N ARG B 62 -8.00 6.30 -8.54
CA ARG B 62 -7.91 7.72 -8.21
C ARG B 62 -6.56 8.04 -7.57
N ILE B 63 -5.79 8.90 -8.21
CA ILE B 63 -4.40 9.23 -7.87
C ILE B 63 -4.22 10.69 -7.52
N GLY B 64 -3.34 11.00 -6.59
CA GLY B 64 -3.20 12.38 -6.17
C GLY B 64 -4.10 12.78 -5.04
N LYS B 65 -4.82 11.85 -4.39
CA LYS B 65 -5.79 12.21 -3.38
C LYS B 65 -5.22 12.40 -1.98
N HIS B 66 -5.95 13.18 -1.19
CA HIS B 66 -5.73 13.43 0.23
C HIS B 66 -7.02 13.18 0.99
N SER B 67 -8.05 13.95 0.66
CA SER B 67 -9.36 13.69 1.26
C SER B 67 -9.94 12.37 0.75
N ARG B 68 -10.58 11.66 1.67
CA ARG B 68 -11.19 10.37 1.33
C ARG B 68 -12.40 10.54 0.43
N THR B 69 -13.40 11.34 0.81
CA THR B 69 -14.67 11.30 0.08
C THR B 69 -14.82 12.38 -0.99
N ARG B 70 -14.04 13.46 -0.89
CA ARG B 70 -14.20 14.59 -1.80
C ARG B 70 -13.62 14.37 -3.17
N TYR B 71 -14.24 14.99 -4.18
CA TYR B 71 -13.70 15.03 -5.53
C TYR B 71 -12.69 16.18 -5.59
N GLU B 72 -11.39 15.88 -5.64
CA GLU B 72 -10.36 16.90 -5.45
C GLU B 72 -9.92 17.46 -6.79
N ARG B 73 -10.84 18.31 -7.27
CA ARG B 73 -10.74 19.03 -8.51
C ARG B 73 -9.41 19.71 -8.69
N ASN B 74 -8.79 19.57 -9.82
CA ASN B 74 -7.51 20.16 -10.17
C ASN B 74 -6.34 19.47 -9.45
N ILE B 75 -6.60 18.46 -8.64
CA ILE B 75 -5.51 17.81 -7.88
C ILE B 75 -5.48 16.32 -8.18
N GLU B 76 -6.54 15.58 -7.86
CA GLU B 76 -6.58 14.16 -8.23
C GLU B 76 -6.77 13.98 -9.72
N LYS B 77 -6.35 12.80 -10.18
CA LYS B 77 -6.54 12.31 -11.51
C LYS B 77 -7.24 10.94 -11.45
N ILE B 78 -8.24 10.76 -12.29
CA ILE B 78 -8.98 9.48 -12.29
C ILE B 78 -8.71 8.75 -13.60
N SER B 79 -8.37 7.47 -13.50
CA SER B 79 -7.93 6.65 -14.60
C SER B 79 -8.67 5.33 -14.69
N MET B 80 -8.88 4.93 -15.93
CA MET B 80 -9.56 3.68 -16.21
C MET B 80 -8.55 2.57 -16.37
N LEU B 81 -8.98 1.35 -16.06
CA LEU B 81 -8.13 0.20 -16.17
C LEU B 81 -8.17 -0.38 -17.59
N GLU B 82 -6.99 -0.65 -18.14
CA GLU B 82 -6.92 -1.40 -19.40
C GLU B 82 -6.94 -2.88 -19.08
N LYS B 83 -6.11 -3.33 -18.15
CA LYS B 83 -6.03 -4.74 -17.82
C LYS B 83 -5.51 -4.98 -16.41
N ILE B 84 -6.12 -5.95 -15.76
CA ILE B 84 -5.72 -6.56 -14.50
C ILE B 84 -4.94 -7.85 -14.71
N TYR B 85 -3.84 -8.00 -13.97
CA TYR B 85 -2.99 -9.17 -13.93
C TYR B 85 -2.83 -9.65 -12.50
N ILE B 86 -3.35 -10.85 -12.22
CA ILE B 86 -3.18 -11.38 -10.86
C ILE B 86 -2.13 -12.47 -10.86
N HIS B 87 -1.30 -12.56 -9.83
CA HIS B 87 -0.31 -13.61 -9.72
C HIS B 87 -0.97 -14.97 -9.96
N PRO B 88 -0.47 -15.75 -10.89
CA PRO B 88 -1.08 -17.04 -11.29
C PRO B 88 -1.09 -18.11 -10.20
N ARG B 89 -0.24 -18.06 -9.22
CA ARG B 89 -0.17 -18.82 -7.98
C ARG B 89 -0.59 -18.07 -6.72
N TYR B 90 -1.34 -16.97 -6.78
CA TYR B 90 -2.00 -16.41 -5.61
C TYR B 90 -2.89 -17.45 -4.93
N ASN B 91 -2.64 -17.76 -3.68
CA ASN B 91 -3.27 -18.86 -2.93
C ASN B 91 -4.40 -18.36 -2.04
N TRP B 92 -5.54 -18.08 -2.68
CA TRP B 92 -6.68 -17.55 -1.95
C TRP B 92 -7.37 -18.62 -1.13
N ARG B 93 -7.10 -19.88 -1.47
CA ARG B 93 -7.73 -20.97 -0.70
C ARG B 93 -7.23 -21.08 0.73
N GLU B 94 -5.92 -20.85 0.92
CA GLU B 94 -5.31 -21.22 2.18
C GLU B 94 -4.79 -20.07 3.00
N ASN B 95 -3.88 -19.27 2.42
CA ASN B 95 -3.24 -18.29 3.30
C ASN B 95 -2.95 -16.97 2.63
N LEU B 96 -3.49 -16.75 1.44
CA LEU B 96 -3.20 -15.54 0.67
C LEU B 96 -1.73 -15.43 0.29
N ASP B 97 -1.04 -16.57 0.13
CA ASP B 97 0.30 -16.52 -0.42
C ASP B 97 0.36 -15.86 -1.79
N ARG B 98 1.36 -15.02 -2.03
CA ARG B 98 1.53 -14.30 -3.29
C ARG B 98 0.33 -13.40 -3.55
N ASP B 99 0.03 -12.56 -2.57
CA ASP B 99 -1.12 -11.65 -2.62
C ASP B 99 -0.71 -10.39 -3.36
N ILE B 100 -0.69 -10.48 -4.69
CA ILE B 100 -0.17 -9.35 -5.49
C ILE B 100 -0.88 -9.29 -6.84
N ALA B 101 -1.14 -8.10 -7.33
CA ALA B 101 -1.76 -7.91 -8.66
C ALA B 101 -1.24 -6.60 -9.24
N LEU B 102 -1.27 -6.54 -10.56
CA LEU B 102 -0.96 -5.34 -11.32
C LEU B 102 -2.17 -4.89 -12.13
N MET B 103 -2.27 -3.56 -12.29
CA MET B 103 -3.31 -2.97 -13.12
C MET B 103 -2.58 -2.06 -14.11
N LYS B 104 -2.82 -2.24 -15.40
CA LYS B 104 -2.34 -1.32 -16.41
C LYS B 104 -3.43 -0.30 -16.73
N LEU B 105 -3.03 0.97 -16.73
CA LEU B 105 -3.93 2.07 -16.97
C LEU B 105 -4.14 2.28 -18.48
N LYS B 106 -5.31 2.81 -18.83
CA LYS B 106 -5.62 2.98 -20.26
C LYS B 106 -4.76 4.06 -20.90
N LYS B 107 -4.48 5.11 -20.13
CA LYS B 107 -3.56 6.15 -20.52
C LYS B 107 -2.58 6.47 -19.38
N PRO B 108 -1.42 6.94 -19.74
CA PRO B 108 -0.44 7.38 -18.73
C PRO B 108 -0.97 8.54 -17.91
N VAL B 109 -0.67 8.51 -16.61
CA VAL B 109 -1.13 9.58 -15.73
C VAL B 109 0.01 10.60 -15.68
N ALA B 110 -0.36 11.86 -15.61
CA ALA B 110 0.62 12.94 -15.56
C ALA B 110 1.11 13.14 -14.13
N PHE B 111 2.43 13.18 -13.98
CA PHE B 111 2.98 13.34 -12.65
C PHE B 111 2.87 14.83 -12.27
N SER B 112 2.87 15.05 -10.98
CA SER B 112 2.58 16.38 -10.43
C SER B 112 3.15 16.46 -9.03
N ASP B 113 2.91 17.57 -8.34
CA ASP B 113 3.36 17.66 -6.96
C ASP B 113 2.70 16.57 -6.11
N TYR B 114 1.53 16.11 -6.53
CA TYR B 114 0.75 15.17 -5.75
C TYR B 114 0.77 13.75 -6.30
N ILE B 115 1.37 13.57 -7.46
CA ILE B 115 1.35 12.29 -8.17
C ILE B 115 2.75 11.93 -8.66
N HIS B 116 3.30 10.86 -8.11
CA HIS B 116 4.68 10.46 -8.32
C HIS B 116 4.91 9.00 -7.91
N PRO B 117 5.67 8.26 -8.71
CA PRO B 117 5.84 6.82 -8.45
C PRO B 117 6.89 6.52 -7.39
N VAL B 118 6.60 5.47 -6.63
CA VAL B 118 7.46 4.88 -5.61
C VAL B 118 8.44 3.95 -6.29
N CYS B 119 9.60 3.69 -5.67
CA CYS B 119 10.49 2.71 -6.24
C CYS B 119 10.17 1.29 -5.82
N LEU B 120 10.60 0.32 -6.65
CA LEU B 120 10.50 -1.07 -6.18
C LEU B 120 11.89 -1.56 -5.79
N PRO B 121 12.00 -2.34 -4.72
CA PRO B 121 13.33 -2.71 -4.23
C PRO B 121 14.05 -3.72 -5.11
N ASP B 122 15.37 -3.65 -5.05
CA ASP B 122 16.14 -4.75 -5.65
C ASP B 122 16.67 -5.58 -4.49
N ARG B 123 17.36 -6.66 -4.81
CA ARG B 123 17.81 -7.56 -3.75
C ARG B 123 18.54 -6.90 -2.60
N GLU B 124 19.43 -5.97 -2.98
CA GLU B 124 20.30 -5.36 -1.97
C GLU B 124 19.51 -4.45 -1.06
N THR B 125 18.54 -3.71 -1.62
CA THR B 125 17.82 -2.83 -0.70
C THR B 125 16.93 -3.67 0.20
N ALA B 126 16.36 -4.77 -0.31
CA ALA B 126 15.55 -5.61 0.56
C ALA B 126 16.39 -6.23 1.67
N ALA B 127 17.55 -6.73 1.26
CA ALA B 127 18.47 -7.30 2.23
C ALA B 127 18.86 -6.24 3.25
N SER B 128 19.12 -5.02 2.77
CA SER B 128 19.54 -3.98 3.70
C SER B 128 18.43 -3.53 4.66
N LEU B 129 17.18 -3.43 4.19
CA LEU B 129 16.15 -2.79 4.98
C LEU B 129 15.14 -3.71 5.66
N LEU B 130 14.94 -4.89 5.11
CA LEU B 130 13.88 -5.79 5.63
C LEU B 130 14.45 -6.61 6.78
N GLN B 131 14.64 -5.95 7.89
CA GLN B 131 15.28 -6.34 9.12
C GLN B 131 14.34 -6.13 10.29
N ALA B 132 14.27 -7.08 11.22
CA ALA B 132 13.43 -6.89 12.39
C ALA B 132 13.79 -5.59 13.10
N GLY B 133 12.76 -4.83 13.45
CA GLY B 133 12.94 -3.58 14.15
C GLY B 133 13.07 -2.35 13.30
N TYR B 134 13.48 -2.53 12.04
CA TYR B 134 13.48 -1.40 11.12
C TYR B 134 12.04 -1.03 10.81
N LYS B 135 11.74 0.27 10.79
CA LYS B 135 10.36 0.71 10.61
C LYS B 135 10.06 1.02 9.15
N GLY B 136 8.85 0.65 8.72
CA GLY B 136 8.28 1.11 7.46
C GLY B 136 7.03 1.92 7.78
N ARG B 137 6.36 2.38 6.73
CA ARG B 137 5.25 3.28 6.77
C ARG B 137 4.08 2.74 5.96
N VAL B 138 2.90 2.70 6.56
CA VAL B 138 1.68 2.23 5.90
C VAL B 138 0.69 3.37 5.82
N THR B 139 0.00 3.53 4.70
CA THR B 139 -0.89 4.67 4.48
C THR B 139 -2.21 4.18 3.91
N GLY B 140 -3.31 4.83 4.22
CA GLY B 140 -4.55 4.41 3.57
C GLY B 140 -5.76 5.16 4.10
N TRP B 141 -6.90 4.91 3.49
CA TRP B 141 -8.15 5.56 3.86
C TRP B 141 -9.10 4.59 4.54
N GLY B 142 -8.54 3.50 5.03
CA GLY B 142 -9.28 2.47 5.73
C GLY B 142 -9.80 2.92 7.08
N ASN B 143 -10.58 2.01 7.69
CA ASN B 143 -11.15 2.27 9.00
C ASN B 143 -10.12 2.63 10.06
N LEU B 144 -10.60 3.49 10.95
CA LEU B 144 -9.86 3.99 12.09
C LEU B 144 -9.92 3.04 13.27
N LYS B 145 -10.85 2.08 13.19
CA LYS B 145 -10.97 1.15 14.30
C LYS B 145 -11.54 -0.16 13.77
N GLU B 146 -11.22 -1.22 14.52
CA GLU B 146 -11.72 -2.52 14.10
C GLU B 146 -13.24 -2.51 14.14
N THR B 147 -13.82 -1.91 15.18
CA THR B 147 -15.29 -1.94 15.17
C THR B 147 -15.88 -0.53 15.29
N GLY B 155 -14.39 5.95 13.29
CA GLY B 155 -15.05 5.42 12.11
C GLY B 155 -14.23 5.52 10.84
N GLN B 156 -14.57 6.45 9.95
CA GLN B 156 -13.81 6.59 8.71
C GLN B 156 -13.10 7.93 8.69
N PRO B 157 -11.89 8.00 8.12
CA PRO B 157 -11.11 9.23 8.20
C PRO B 157 -11.58 10.23 7.15
N SER B 158 -11.36 11.50 7.46
CA SER B 158 -11.56 12.56 6.49
C SER B 158 -10.41 12.60 5.48
N VAL B 159 -9.17 12.41 5.94
CA VAL B 159 -8.08 12.42 4.97
C VAL B 159 -7.15 11.21 5.15
N LEU B 160 -6.28 11.02 4.16
CA LEU B 160 -5.28 9.95 4.22
C LEU B 160 -4.57 9.86 5.55
N GLN B 161 -4.48 8.62 6.06
CA GLN B 161 -3.84 8.30 7.32
C GLN B 161 -2.48 7.65 7.10
N VAL B 162 -1.63 7.80 8.10
CA VAL B 162 -0.25 7.34 8.04
C VAL B 162 0.14 6.76 9.40
N VAL B 163 0.89 5.66 9.42
CA VAL B 163 1.43 5.07 10.64
C VAL B 163 2.78 4.43 10.31
N ASN B 164 3.76 4.61 11.18
CA ASN B 164 5.04 3.91 11.01
C ASN B 164 5.11 2.70 11.93
N LEU B 165 5.58 1.56 11.43
CA LEU B 165 5.54 0.31 12.17
C LEU B 165 6.81 -0.50 11.95
N PRO B 166 7.32 -1.13 13.01
CA PRO B 166 8.53 -1.93 12.90
C PRO B 166 8.26 -3.32 12.35
N ILE B 167 9.19 -3.79 11.53
CA ILE B 167 9.14 -5.15 11.03
C ILE B 167 9.36 -6.10 12.21
N VAL B 168 8.67 -7.24 12.19
CA VAL B 168 8.71 -8.16 13.35
C VAL B 168 9.45 -9.42 12.94
N GLU B 169 10.18 -10.03 13.88
CA GLU B 169 10.91 -11.27 13.65
C GLU B 169 10.01 -12.40 13.14
N ARG B 170 10.45 -13.15 12.16
CA ARG B 170 9.63 -14.20 11.55
C ARG B 170 9.10 -15.19 12.58
N PRO B 171 9.86 -15.69 13.52
CA PRO B 171 9.29 -16.55 14.58
C PRO B 171 8.12 -15.93 15.32
N VAL B 172 8.20 -14.66 15.68
CA VAL B 172 7.11 -13.98 16.37
C VAL B 172 5.89 -13.82 15.48
N CYS B 173 6.07 -13.49 14.20
CA CYS B 173 4.98 -13.51 13.23
C CYS B 173 4.28 -14.86 13.20
N LYS B 174 5.10 -15.89 13.05
CA LYS B 174 4.54 -17.26 12.99
C LYS B 174 3.76 -17.63 14.23
N ASP B 175 4.30 -17.32 15.40
CA ASP B 175 3.72 -17.67 16.69
C ASP B 175 2.50 -16.86 17.06
N SER B 176 2.16 -15.86 16.26
CA SER B 176 1.03 -15.00 16.50
C SER B 176 -0.28 -15.49 15.87
N THR B 177 -0.18 -16.53 15.03
CA THR B 177 -1.28 -16.90 14.17
C THR B 177 -1.30 -18.39 13.89
N ARG B 178 -2.49 -18.90 13.58
CA ARG B 178 -2.54 -20.31 13.18
C ARG B 178 -2.41 -20.43 11.67
N ILE B 179 -2.48 -19.32 10.94
CA ILE B 179 -2.25 -19.36 9.49
C ILE B 179 -0.84 -19.81 9.18
N ARG B 180 -0.69 -20.57 8.09
CA ARG B 180 0.64 -20.96 7.62
C ARG B 180 1.31 -19.79 6.89
N ILE B 181 2.37 -19.25 7.47
CA ILE B 181 3.04 -18.10 6.87
C ILE B 181 4.08 -18.55 5.87
N THR B 182 4.37 -17.76 4.85
CA THR B 182 5.33 -18.14 3.80
C THR B 182 6.41 -17.06 3.67
N ASP B 183 7.46 -17.35 2.93
CA ASP B 183 8.58 -16.44 2.69
C ASP B 183 8.19 -15.23 1.84
N ASN B 184 7.03 -15.25 1.25
CA ASN B 184 6.39 -14.22 0.46
C ASN B 184 5.56 -13.24 1.27
N MET B 185 5.61 -13.35 2.60
CA MET B 185 4.95 -12.48 3.54
C MET B 185 5.94 -12.04 4.63
N PHE B 186 5.72 -10.83 5.13
CA PHE B 186 6.37 -10.44 6.38
C PHE B 186 5.31 -9.81 7.27
N CYS B 187 5.63 -9.69 8.57
CA CYS B 187 4.68 -8.98 9.44
C CYS B 187 5.34 -7.77 10.11
N ALA B 188 4.50 -6.82 10.50
CA ALA B 188 4.97 -5.57 11.10
C ALA B 188 3.97 -5.08 12.13
N GLY B 189 4.46 -4.35 13.14
CA GLY B 189 3.58 -3.89 14.20
C GLY B 189 4.34 -3.98 15.51
N TYR B 190 3.87 -3.20 16.47
CA TYR B 190 4.47 -3.25 17.79
C TYR B 190 3.95 -4.44 18.60
N LYS B 191 4.80 -4.91 19.48
CA LYS B 191 4.42 -5.94 20.45
C LYS B 191 3.75 -5.26 21.63
N PRO B 192 2.92 -5.99 22.37
CA PRO B 192 2.20 -5.37 23.50
C PRO B 192 3.15 -4.68 24.47
N ASP B 193 4.32 -5.26 24.75
CA ASP B 193 5.16 -4.59 25.75
C ASP B 193 5.95 -3.40 25.24
N GLU B 194 5.82 -3.02 23.97
CA GLU B 194 6.54 -1.90 23.36
C GLU B 194 5.74 -0.63 23.54
N GLY B 195 4.48 -0.79 23.98
CA GLY B 195 3.65 0.34 24.32
C GLY B 195 2.87 0.95 23.19
N LYS B 196 3.56 1.28 22.10
CA LYS B 196 2.94 1.99 20.99
C LYS B 196 2.05 1.07 20.19
N ARG B 197 1.17 1.65 19.39
CA ARG B 197 0.15 1.00 18.63
C ARG B 197 0.12 1.37 17.15
N GLY B 198 -0.77 0.72 16.41
CA GLY B 198 -0.98 1.09 15.01
C GLY B 198 -1.07 -0.16 14.16
N ASP B 199 -1.93 -0.10 13.15
CA ASP B 199 -2.12 -1.18 12.21
C ASP B 199 -2.90 -0.68 11.01
N ALA B 200 -2.88 -1.51 9.95
CA ALA B 200 -3.77 -1.31 8.82
C ALA B 200 -5.13 -1.86 9.25
N CYS B 201 -6.17 -1.56 8.51
CA CYS B 201 -7.49 -2.13 8.81
C CYS B 201 -8.31 -2.16 7.53
N GLU B 202 -9.57 -2.60 7.57
CA GLU B 202 -10.42 -2.67 6.40
C GLU B 202 -10.44 -1.39 5.57
N GLY B 203 -10.10 -1.49 4.30
CA GLY B 203 -10.04 -0.36 3.42
C GLY B 203 -8.60 0.02 3.09
N ASP B 204 -7.64 -0.46 3.86
CA ASP B 204 -6.22 -0.21 3.70
C ASP B 204 -5.55 -1.29 2.84
N SER B 205 -6.25 -2.41 2.71
CA SER B 205 -5.84 -3.54 1.89
C SER B 205 -5.28 -3.08 0.55
N GLY B 206 -4.14 -3.59 0.12
CA GLY B 206 -3.58 -3.33 -1.19
C GLY B 206 -2.65 -2.14 -1.24
N GLY B 207 -2.72 -1.33 -0.18
CA GLY B 207 -1.91 -0.13 -0.14
C GLY B 207 -0.49 -0.49 0.23
N PRO B 208 0.43 0.48 0.19
CA PRO B 208 1.84 0.18 0.38
C PRO B 208 2.40 0.33 1.78
N PHE B 209 3.42 -0.49 2.04
CA PHE B 209 4.36 -0.47 3.13
C PHE B 209 5.67 0.03 2.53
N VAL B 210 6.07 1.24 2.88
CA VAL B 210 7.27 1.84 2.29
C VAL B 210 8.34 2.15 3.32
N MET B 211 9.55 2.20 2.76
CA MET B 211 10.73 2.48 3.59
C MET B 211 11.64 3.46 2.87
N LYS B 212 12.29 4.35 3.60
CA LYS B 212 13.14 5.37 2.97
C LYS B 212 14.58 4.95 3.11
N SER B 213 15.17 4.59 1.97
CA SER B 213 16.56 4.13 2.04
C SER B 213 17.48 5.19 2.63
N PRO B 214 18.27 4.86 3.63
CA PRO B 214 19.22 5.87 4.13
C PRO B 214 20.47 6.02 3.27
N PHE B 215 20.60 5.13 2.31
CA PHE B 215 21.70 5.15 1.35
C PHE B 215 21.50 6.11 0.21
N ASN B 216 20.27 6.14 -0.35
CA ASN B 216 20.06 7.06 -1.46
C ASN B 216 18.87 7.97 -1.25
N ASN B 217 18.27 7.95 -0.06
CA ASN B 217 17.21 8.87 0.29
C ASN B 217 15.95 8.76 -0.55
N ARG B 218 15.72 7.59 -1.12
CA ARG B 218 14.54 7.31 -1.89
C ARG B 218 13.60 6.31 -1.21
N TRP B 219 12.31 6.49 -1.50
CA TRP B 219 11.31 5.62 -0.91
C TRP B 219 11.07 4.38 -1.79
N TYR B 220 11.08 3.24 -1.10
CA TYR B 220 10.87 1.95 -1.70
C TYR B 220 9.64 1.26 -1.10
N GLN B 221 8.86 0.66 -2.00
CA GLN B 221 7.76 -0.15 -1.48
C GLN B 221 8.18 -1.61 -1.26
N MET B 222 8.32 -1.93 0.01
CA MET B 222 8.78 -3.23 0.46
C MET B 222 7.59 -4.18 0.65
N GLY B 223 6.41 -3.66 0.94
CA GLY B 223 5.28 -4.54 1.15
C GLY B 223 3.95 -4.03 0.63
N ILE B 224 2.98 -4.92 0.63
CA ILE B 224 1.61 -4.59 0.27
C ILE B 224 0.70 -5.01 1.43
N VAL B 225 -0.20 -4.16 1.90
CA VAL B 225 -1.15 -4.58 2.95
C VAL B 225 -1.92 -5.80 2.50
N SER B 226 -1.78 -6.94 3.19
CA SER B 226 -2.36 -8.19 2.72
C SER B 226 -3.41 -8.76 3.66
N TRP B 227 -3.06 -9.01 4.92
CA TRP B 227 -4.09 -9.53 5.80
C TRP B 227 -3.75 -9.34 7.27
N GLY B 228 -4.73 -9.62 8.12
CA GLY B 228 -4.52 -9.66 9.55
C GLY B 228 -5.76 -10.21 10.24
N GLU B 229 -5.66 -10.31 11.56
CA GLU B 229 -6.76 -10.81 12.39
C GLU B 229 -7.24 -9.66 13.23
N GLY B 230 -8.40 -9.12 12.86
CA GLY B 230 -8.84 -7.87 13.50
C GLY B 230 -7.95 -6.72 13.09
N CYS B 231 -7.91 -5.65 13.89
CA CYS B 231 -6.98 -4.56 13.56
C CYS B 231 -6.44 -4.04 14.89
N ASP B 232 -5.13 -3.86 14.95
CA ASP B 232 -4.47 -3.29 16.11
C ASP B 232 -4.77 -4.10 17.38
N ARG B 233 -4.94 -5.40 17.25
CA ARG B 233 -5.09 -6.26 18.44
C ARG B 233 -3.75 -6.52 19.11
N ASP B 234 -3.72 -6.52 20.44
CA ASP B 234 -2.50 -6.92 21.14
C ASP B 234 -2.16 -8.36 20.77
N GLY B 235 -0.90 -8.61 20.45
CA GLY B 235 -0.39 -9.92 20.16
C GLY B 235 -0.59 -10.34 18.72
N LYS B 236 -1.23 -9.51 17.90
CA LYS B 236 -1.40 -9.77 16.48
C LYS B 236 -0.59 -8.74 15.68
N TYR B 237 -0.23 -9.07 14.45
CA TYR B 237 0.59 -8.26 13.57
C TYR B 237 -0.07 -8.18 12.20
N GLY B 238 0.16 -7.07 11.51
CA GLY B 238 -0.32 -6.99 10.13
C GLY B 238 0.64 -7.76 9.25
N PHE B 239 0.06 -8.41 8.24
CA PHE B 239 0.87 -9.17 7.30
C PHE B 239 0.83 -8.43 5.97
N TYR B 240 1.99 -8.44 5.34
CA TYR B 240 2.35 -7.78 4.11
C TYR B 240 2.97 -8.73 3.11
N THR B 241 2.54 -8.51 1.87
CA THR B 241 3.15 -9.20 0.74
C THR B 241 4.57 -8.70 0.56
N HIS B 242 5.51 -9.61 0.39
CA HIS B 242 6.94 -9.31 0.28
C HIS B 242 7.27 -8.93 -1.16
N VAL B 243 7.36 -7.62 -1.42
CA VAL B 243 7.38 -7.20 -2.83
C VAL B 243 8.63 -7.68 -3.53
N PHE B 244 9.79 -7.61 -2.87
CA PHE B 244 11.00 -7.99 -3.57
C PHE B 244 10.91 -9.45 -4.03
N ARG B 245 10.32 -10.32 -3.23
CA ARG B 245 10.27 -11.75 -3.51
C ARG B 245 9.39 -12.08 -4.70
N LEU B 246 8.49 -11.16 -5.09
CA LEU B 246 7.64 -11.38 -6.25
C LEU B 246 8.01 -10.46 -7.40
N LYS B 247 9.19 -9.83 -7.28
CA LYS B 247 9.54 -8.86 -8.31
C LYS B 247 9.77 -9.48 -9.67
N LYS B 248 10.20 -10.73 -9.68
CA LYS B 248 10.45 -11.40 -10.96
C LYS B 248 9.15 -11.54 -11.72
N TRP B 249 8.06 -11.86 -11.03
CA TRP B 249 6.75 -11.82 -11.68
C TRP B 249 6.36 -10.41 -12.09
N ILE B 250 6.60 -9.39 -11.24
CA ILE B 250 6.26 -8.03 -11.67
C ILE B 250 6.95 -7.62 -12.96
N GLN B 251 8.22 -8.00 -13.07
CA GLN B 251 9.05 -7.58 -14.20
C GLN B 251 8.59 -8.28 -15.48
N LYS B 252 8.29 -9.56 -15.29
CA LYS B 252 7.80 -10.39 -16.38
C LYS B 252 6.54 -9.77 -16.98
N VAL B 253 5.59 -9.42 -16.12
CA VAL B 253 4.33 -8.85 -16.58
C VAL B 253 4.56 -7.54 -17.32
N ILE B 254 5.29 -6.64 -16.69
CA ILE B 254 5.51 -5.33 -17.30
C ILE B 254 6.30 -5.49 -18.60
N ASP B 255 7.26 -6.41 -18.61
CA ASP B 255 8.04 -6.61 -19.83
C ASP B 255 7.20 -7.28 -20.91
N GLN B 256 6.27 -8.14 -20.56
CA GLN B 256 5.43 -8.83 -21.54
C GLN B 256 4.28 -7.96 -22.02
N PHE B 257 3.77 -7.11 -21.13
CA PHE B 257 2.65 -6.28 -21.56
C PHE B 257 3.00 -4.80 -21.59
N ASP C 1 -21.05 8.29 1.33
CA ASP C 1 -20.63 9.68 1.50
C ASP C 1 -19.61 10.16 0.46
N PHE C 2 -19.39 9.47 -0.65
CA PHE C 2 -18.46 10.01 -1.64
C PHE C 2 -19.11 11.06 -2.51
N GLU C 3 -18.39 12.16 -2.65
CA GLU C 3 -18.74 13.20 -3.61
C GLU C 3 -18.77 12.60 -5.01
N GLU C 4 -19.74 13.05 -5.77
CA GLU C 4 -19.88 12.74 -7.18
C GLU C 4 -18.61 13.10 -7.94
N ILE C 5 -18.16 12.22 -8.81
CA ILE C 5 -17.04 12.48 -9.72
C ILE C 5 -17.61 12.76 -11.11
N PRO C 6 -16.89 13.54 -11.89
CA PRO C 6 -17.34 13.87 -13.26
C PRO C 6 -17.81 12.64 -14.02
N GLU C 7 -19.01 12.78 -14.58
CA GLU C 7 -19.62 11.74 -15.39
C GLU C 7 -18.66 11.17 -16.42
N GLU C 8 -17.78 12.03 -16.94
CA GLU C 8 -16.78 11.56 -17.90
C GLU C 8 -16.02 10.34 -17.39
N LEU C 10 -17.21 8.00 -15.41
CA LEU C 10 -18.15 6.87 -15.31
C LEU C 10 -18.55 6.38 -16.68
#